data_5XE9
#
_entry.id   5XE9
#
_cell.length_a   46.785
_cell.length_b   59.764
_cell.length_c   122.589
_cell.angle_alpha   90.00
_cell.angle_beta   90.00
_cell.angle_gamma   90.00
#
_symmetry.space_group_name_H-M   'P 21 21 21'
#
loop_
_entity.id
_entity.type
_entity.pdbx_description
1 polymer 'Putative ABC transporter, ATP-binding protein ComA'
2 non-polymer '[(1~{S},2~{R},4~{S},5~{R})-5-[5-(4-methoxyphenyl)-2-methyl-pyrazol-3-yl]-1-azabicyclo[2.2.2]octan-2-yl]methyl ~{N}-propylcarbamate'
3 water water
#
_entity_poly.entity_id   1
_entity_poly.type   'polypeptide(L)'
_entity_poly.pdbx_seq_one_letter_code
;MYKLVPQIDTRDCGPAVLASVAKHYGSNYSIAYLRELSKTNKQGTTALGIVEAAKKLGFETRSIKADMTLFDYNDLTYPF
IVHVIKGKRLQHYYVVYGSQNNQLIIGDPDPSVKVTRMSKERFQSEWTGLAIFLAPQPNYKPHKGEHHHHHH
;
_entity_poly.pdbx_strand_id   A,B
#
loop_
_chem_comp.id
_chem_comp.type
_chem_comp.name
_chem_comp.formula
6CH non-polymer '[(1~{S},2~{R},4~{S},5~{R})-5-[5-(4-methoxyphenyl)-2-methyl-pyrazol-3-yl]-1-azabicyclo[2.2.2]octan-2-yl]methyl ~{N}-propylcarbamate' 'C23 H32 N4 O3'
#
# COMPACT_ATOMS: atom_id res chain seq x y z
N TYR A 2 -22.01 -8.21 -9.80
CA TYR A 2 -20.92 -7.34 -9.29
C TYR A 2 -20.32 -6.64 -10.48
N LYS A 3 -20.59 -5.34 -10.57
CA LYS A 3 -20.27 -4.53 -11.72
C LYS A 3 -18.82 -4.00 -11.61
N LEU A 4 -17.92 -4.68 -12.32
CA LEU A 4 -16.47 -4.43 -12.25
C LEU A 4 -15.88 -3.96 -13.58
N VAL A 5 -14.95 -3.02 -13.51
CA VAL A 5 -14.35 -2.47 -14.71
C VAL A 5 -12.91 -2.93 -14.86
N PRO A 6 -12.66 -3.90 -15.78
CA PRO A 6 -11.28 -4.36 -15.97
C PRO A 6 -10.35 -3.25 -16.48
N GLN A 7 -9.06 -3.40 -16.17
CA GLN A 7 -8.03 -2.48 -16.62
C GLN A 7 -7.52 -2.93 -17.96
N ILE A 8 -6.62 -2.15 -18.51
CA ILE A 8 -5.98 -2.53 -19.76
C ILE A 8 -4.52 -2.09 -19.79
N ASP A 9 -4.25 -0.80 -19.60
CA ASP A 9 -2.88 -0.34 -19.47
C ASP A 9 -2.38 -0.83 -18.11
N THR A 10 -1.11 -1.17 -18.04
CA THR A 10 -0.56 -1.77 -16.83
C THR A 10 -0.89 -0.94 -15.59
N ARG A 11 -1.04 0.36 -15.79
CA ARG A 11 -1.03 1.35 -14.73
C ARG A 11 -2.43 1.61 -14.18
N ASP A 12 -3.43 1.16 -14.93
CA ASP A 12 -4.83 1.47 -14.69
C ASP A 12 -5.51 0.88 -13.44
N CYS A 13 -4.88 -0.05 -12.73
CA CYS A 13 -5.59 -0.78 -11.66
C CYS A 13 -6.29 0.10 -10.65
N GLY A 14 -5.68 1.23 -10.33
CA GLY A 14 -6.28 2.16 -9.40
C GLY A 14 -7.50 2.85 -9.98
N PRO A 15 -7.34 3.44 -11.17
CA PRO A 15 -8.51 3.99 -11.80
C PRO A 15 -9.61 2.96 -11.92
N ALA A 16 -9.25 1.76 -12.30
CA ALA A 16 -10.22 0.69 -12.50
C ALA A 16 -11.05 0.33 -11.28
N VAL A 17 -10.41 0.18 -10.11
CA VAL A 17 -11.16 -0.17 -8.88
C VAL A 17 -12.09 0.95 -8.48
N LEU A 18 -11.62 2.18 -8.66
CA LEU A 18 -12.42 3.35 -8.48
C LEU A 18 -13.75 3.25 -9.23
N ALA A 19 -13.63 2.95 -10.53
CA ALA A 19 -14.74 3.08 -11.46
C ALA A 19 -15.67 1.95 -11.23
N SER A 20 -15.06 0.82 -10.88
CA SER A 20 -15.80 -0.35 -10.52
C SER A 20 -16.73 0.02 -9.38
N VAL A 21 -16.21 0.80 -8.45
CA VAL A 21 -16.99 1.19 -7.29
C VAL A 21 -18.13 2.15 -7.66
N ALA A 22 -17.81 3.20 -8.41
CA ALA A 22 -18.81 4.14 -8.83
C ALA A 22 -19.95 3.39 -9.52
N LYS A 23 -19.66 2.60 -10.55
CA LYS A 23 -20.76 1.91 -11.24
C LYS A 23 -21.75 1.38 -10.24
N HIS A 24 -21.24 0.62 -9.28
CA HIS A 24 -22.06 -0.06 -8.29
C HIS A 24 -23.01 0.91 -7.62
N TYR A 25 -22.43 1.95 -7.01
CA TYR A 25 -23.20 3.08 -6.50
C TYR A 25 -23.50 4.09 -7.62
N GLY A 26 -24.10 3.63 -8.72
CA GLY A 26 -24.61 4.52 -9.77
C GLY A 26 -23.65 4.97 -10.88
N SER A 27 -22.83 5.97 -10.59
CA SER A 27 -22.03 6.70 -11.60
C SER A 27 -21.14 5.93 -12.58
N ASN A 28 -20.96 6.54 -13.75
CA ASN A 28 -20.04 6.06 -14.77
C ASN A 28 -18.96 7.11 -14.99
N TYR A 29 -17.75 6.66 -15.28
CA TYR A 29 -16.59 7.55 -15.31
C TYR A 29 -15.45 6.95 -16.16
N SER A 30 -14.88 7.73 -17.08
CA SER A 30 -13.84 7.21 -17.98
C SER A 30 -12.49 7.08 -17.28
N ILE A 31 -11.83 5.97 -17.53
CA ILE A 31 -10.59 5.64 -16.84
C ILE A 31 -9.44 6.63 -17.11
N ALA A 32 -9.35 7.16 -18.32
CA ALA A 32 -8.33 8.14 -18.61
C ALA A 32 -8.54 9.35 -17.73
N TYR A 33 -9.80 9.68 -17.48
CA TYR A 33 -10.11 10.78 -16.56
C TYR A 33 -9.54 10.48 -15.21
N LEU A 34 -9.97 9.36 -14.62
CA LEU A 34 -9.55 8.94 -13.29
C LEU A 34 -8.03 8.80 -13.21
N ARG A 35 -7.39 8.40 -14.30
CA ARG A 35 -5.93 8.39 -14.35
C ARG A 35 -5.49 9.74 -13.82
N GLU A 36 -6.01 10.80 -14.45
CA GLU A 36 -5.53 12.17 -14.21
C GLU A 36 -5.97 12.71 -12.85
N LEU A 37 -7.12 12.26 -12.37
CA LEU A 37 -7.70 12.65 -11.06
C LEU A 37 -6.94 11.99 -9.94
N SER A 38 -6.72 10.69 -10.10
CA SER A 38 -6.06 9.90 -9.08
C SER A 38 -4.57 10.10 -9.12
N LYS A 39 -4.08 10.87 -10.10
CA LYS A 39 -2.67 11.07 -10.23
C LYS A 39 -1.98 9.71 -10.28
N THR A 40 -2.59 8.85 -11.10
CA THR A 40 -1.97 7.63 -11.52
C THR A 40 -0.87 8.10 -12.46
N ASN A 41 0.33 7.52 -12.33
CA ASN A 41 1.44 7.74 -13.26
C ASN A 41 1.95 6.38 -13.75
N LYS A 42 3.17 6.29 -14.27
CA LYS A 42 3.69 5.03 -14.81
C LYS A 42 3.54 3.82 -13.88
N GLN A 43 3.76 4.05 -12.60
CA GLN A 43 3.79 2.99 -11.61
C GLN A 43 2.54 2.98 -10.75
N GLY A 44 1.40 2.92 -11.43
CA GLY A 44 0.09 2.89 -10.76
C GLY A 44 -0.20 4.14 -9.98
N THR A 45 -1.19 4.01 -9.10
CA THR A 45 -1.70 5.08 -8.26
C THR A 45 -1.17 4.84 -6.84
N THR A 46 -1.09 5.88 -6.01
CA THR A 46 -0.83 5.65 -4.59
C THR A 46 -2.13 5.52 -3.85
N ALA A 47 -2.03 4.97 -2.66
CA ALA A 47 -3.22 4.79 -1.84
C ALA A 47 -3.86 6.14 -1.69
N LEU A 48 -3.02 7.14 -1.44
CA LEU A 48 -3.46 8.53 -1.33
C LEU A 48 -4.29 8.98 -2.53
N GLY A 49 -3.75 8.79 -3.74
CA GLY A 49 -4.40 9.15 -4.98
C GLY A 49 -5.81 8.59 -5.06
N ILE A 50 -5.95 7.32 -4.75
CA ILE A 50 -7.26 6.70 -4.73
C ILE A 50 -8.22 7.50 -3.86
N VAL A 51 -7.73 7.98 -2.72
CA VAL A 51 -8.58 8.69 -1.79
C VAL A 51 -9.05 10.05 -2.31
N GLU A 52 -8.08 10.91 -2.62
CA GLU A 52 -8.36 12.25 -3.11
C GLU A 52 -9.44 12.16 -4.15
N ALA A 53 -9.18 11.33 -5.15
CA ALA A 53 -10.10 11.05 -6.21
C ALA A 53 -11.44 10.71 -5.63
N ALA A 54 -11.54 9.57 -4.97
CA ALA A 54 -12.81 9.16 -4.38
C ALA A 54 -13.56 10.35 -3.74
N LYS A 55 -12.85 11.17 -2.98
CA LYS A 55 -13.47 12.35 -2.41
C LYS A 55 -14.08 13.21 -3.51
N LYS A 56 -13.29 13.52 -4.54
CA LYS A 56 -13.73 14.41 -5.62
C LYS A 56 -14.88 13.89 -6.47
N LEU A 57 -15.17 12.61 -6.43
CA LEU A 57 -16.35 12.11 -7.11
C LEU A 57 -17.52 12.21 -6.17
N GLY A 58 -17.33 12.96 -5.09
CA GLY A 58 -18.33 13.11 -4.03
C GLY A 58 -18.44 11.94 -3.07
N PHE A 59 -17.30 11.30 -2.77
CA PHE A 59 -17.33 10.19 -1.85
C PHE A 59 -16.83 10.52 -0.48
N GLU A 60 -17.51 9.94 0.49
CA GLU A 60 -17.06 9.99 1.84
C GLU A 60 -16.11 8.86 1.96
N THR A 61 -14.89 9.20 2.31
CA THR A 61 -13.84 8.24 2.29
C THR A 61 -13.26 8.14 3.63
N ARG A 62 -12.98 6.90 3.98
CA ARG A 62 -12.10 6.62 5.04
C ARG A 62 -11.22 5.44 4.66
N SER A 63 -10.09 5.39 5.34
CA SER A 63 -9.12 4.36 5.15
C SER A 63 -8.62 3.90 6.52
N ILE A 64 -8.36 2.62 6.66
CA ILE A 64 -7.83 2.09 7.89
C ILE A 64 -6.85 0.97 7.65
N LYS A 65 -5.96 0.76 8.60
CA LYS A 65 -5.20 -0.44 8.70
C LYS A 65 -6.01 -1.43 9.51
N ALA A 66 -6.52 -2.47 8.87
CA ALA A 66 -7.12 -3.57 9.61
C ALA A 66 -6.32 -4.83 9.48
N ASP A 67 -6.77 -5.87 10.17
CA ASP A 67 -6.24 -7.20 10.01
C ASP A 67 -7.39 -8.09 9.54
N MET A 68 -7.21 -9.41 9.49
CA MET A 68 -8.27 -10.29 8.95
C MET A 68 -9.53 -10.29 9.75
N THR A 69 -9.42 -10.06 11.04
CA THR A 69 -10.58 -10.09 11.91
C THR A 69 -11.63 -9.15 11.35
N LEU A 70 -11.20 -8.14 10.60
CA LEU A 70 -12.13 -7.19 9.97
C LEU A 70 -13.35 -7.90 9.35
N PHE A 71 -13.08 -9.05 8.76
CA PHE A 71 -14.12 -9.83 8.08
C PHE A 71 -15.01 -10.65 9.02
N ASP A 72 -14.78 -10.59 10.33
CA ASP A 72 -15.66 -11.25 11.30
C ASP A 72 -16.87 -10.38 11.69
N TYR A 73 -17.11 -9.27 11.00
CA TYR A 73 -18.06 -8.28 11.48
C TYR A 73 -19.05 -7.94 10.37
N ASN A 74 -20.31 -8.30 10.61
CA ASN A 74 -21.30 -8.48 9.54
C ASN A 74 -21.86 -7.20 8.96
N ASP A 75 -21.78 -6.12 9.71
CA ASP A 75 -22.24 -4.81 9.25
C ASP A 75 -21.31 -4.20 8.21
N LEU A 76 -20.15 -4.83 8.02
CA LEU A 76 -19.21 -4.46 6.98
C LEU A 76 -19.92 -4.02 5.71
N THR A 77 -19.88 -2.72 5.41
CA THR A 77 -20.58 -2.24 4.22
C THR A 77 -19.69 -2.45 2.99
N TYR A 78 -20.05 -3.48 2.24
CA TYR A 78 -19.49 -3.67 0.92
C TYR A 78 -20.21 -2.75 -0.05
N PRO A 79 -19.59 -2.43 -1.19
CA PRO A 79 -18.25 -2.79 -1.58
C PRO A 79 -17.26 -1.79 -1.00
N PHE A 80 -15.97 -2.15 -1.06
CA PHE A 80 -14.88 -1.25 -0.69
C PHE A 80 -13.58 -1.77 -1.30
N ILE A 81 -12.52 -1.03 -1.12
CA ILE A 81 -11.27 -1.25 -1.83
C ILE A 81 -10.20 -1.74 -0.88
N VAL A 82 -9.29 -2.56 -1.40
CA VAL A 82 -8.10 -2.92 -0.63
C VAL A 82 -6.81 -2.72 -1.43
N HIS A 83 -5.73 -2.48 -0.72
CA HIS A 83 -4.43 -2.42 -1.31
C HIS A 83 -3.83 -3.77 -1.03
N VAL A 84 -3.37 -4.41 -2.09
CA VAL A 84 -2.72 -5.71 -2.00
C VAL A 84 -1.51 -5.75 -2.89
N ILE A 85 -0.68 -6.75 -2.57
CA ILE A 85 0.50 -7.10 -3.34
C ILE A 85 0.29 -8.44 -4.06
N LYS A 86 0.42 -8.45 -5.38
CA LYS A 86 0.37 -9.69 -6.16
C LYS A 86 1.71 -9.84 -6.87
N GLY A 87 2.49 -10.82 -6.46
CA GLY A 87 3.79 -11.02 -7.09
C GLY A 87 4.54 -9.70 -7.14
N LYS A 88 4.91 -9.30 -8.36
CA LYS A 88 5.75 -8.11 -8.57
C LYS A 88 4.92 -6.82 -8.63
N ARG A 89 3.60 -6.92 -8.60
CA ARG A 89 2.73 -5.74 -8.54
C ARG A 89 2.46 -5.30 -7.08
N LEU A 90 3.17 -4.25 -6.70
CA LEU A 90 3.19 -3.76 -5.35
C LEU A 90 2.09 -2.76 -5.07
N GLN A 91 1.57 -2.15 -6.13
CA GLN A 91 0.54 -1.16 -5.99
C GLN A 91 -0.71 -1.69 -6.62
N HIS A 92 -1.03 -2.94 -6.34
CA HIS A 92 -2.26 -3.49 -6.87
C HIS A 92 -3.42 -3.23 -5.91
N TYR A 93 -4.64 -3.32 -6.43
CA TYR A 93 -5.84 -3.15 -5.62
C TYR A 93 -6.94 -4.05 -6.12
N TYR A 94 -7.78 -4.49 -5.19
CA TYR A 94 -9.01 -5.20 -5.51
C TYR A 94 -10.23 -4.40 -5.05
N VAL A 95 -11.38 -4.77 -5.62
CA VAL A 95 -12.68 -4.42 -5.05
C VAL A 95 -13.11 -5.62 -4.22
N VAL A 96 -13.61 -5.35 -3.02
CA VAL A 96 -14.18 -6.39 -2.19
C VAL A 96 -15.70 -6.23 -2.24
N TYR A 97 -16.39 -7.29 -2.67
CA TYR A 97 -17.82 -7.26 -2.84
C TYR A 97 -18.57 -7.93 -1.68
N GLY A 98 -17.97 -8.94 -1.05
CA GLY A 98 -18.64 -9.71 0.01
C GLY A 98 -17.96 -11.01 0.39
N SER A 99 -18.64 -11.86 1.16
CA SER A 99 -18.10 -13.17 1.56
C SER A 99 -19.11 -14.24 2.01
N GLN A 100 -19.68 -14.97 1.05
CA GLN A 100 -20.21 -16.31 1.30
C GLN A 100 -19.03 -17.23 1.61
N ASN A 101 -19.08 -17.90 2.76
CA ASN A 101 -18.07 -18.90 3.21
C ASN A 101 -16.75 -18.30 3.72
N ASN A 102 -15.78 -19.19 3.93
CA ASN A 102 -14.35 -18.86 4.11
C ASN A 102 -13.79 -17.89 3.07
N GLN A 103 -14.64 -17.36 2.20
CA GLN A 103 -14.18 -16.88 0.92
C GLN A 103 -14.68 -15.49 0.61
N LEU A 104 -13.86 -14.73 -0.09
CA LEU A 104 -14.18 -13.35 -0.42
C LEU A 104 -14.54 -13.23 -1.88
N ILE A 105 -15.47 -12.33 -2.18
CA ILE A 105 -15.78 -12.02 -3.56
C ILE A 105 -15.07 -10.75 -3.90
N ILE A 106 -14.10 -10.87 -4.80
CA ILE A 106 -13.23 -9.77 -5.12
C ILE A 106 -13.26 -9.52 -6.60
N GLY A 107 -12.83 -8.34 -7.00
CA GLY A 107 -12.69 -8.02 -8.40
C GLY A 107 -11.28 -7.57 -8.66
N ASP A 108 -10.56 -8.33 -9.47
CA ASP A 108 -9.17 -8.02 -9.83
C ASP A 108 -9.20 -7.37 -11.22
N PRO A 109 -8.99 -6.04 -11.27
CA PRO A 109 -9.05 -5.33 -12.56
C PRO A 109 -8.19 -5.94 -13.65
N ASP A 110 -7.22 -6.75 -13.28
CA ASP A 110 -6.62 -7.69 -14.19
C ASP A 110 -7.75 -8.24 -15.06
N PRO A 111 -7.80 -7.88 -16.37
CA PRO A 111 -8.87 -8.41 -17.22
C PRO A 111 -8.85 -9.92 -17.34
N SER A 112 -7.73 -10.54 -17.03
CA SER A 112 -7.65 -11.99 -17.04
C SER A 112 -8.22 -12.64 -15.78
N VAL A 113 -8.57 -11.85 -14.77
CA VAL A 113 -9.14 -12.40 -13.53
C VAL A 113 -10.57 -11.92 -13.27
N LYS A 114 -10.76 -10.61 -13.37
CA LYS A 114 -12.04 -10.01 -13.11
C LYS A 114 -12.55 -10.42 -11.70
N VAL A 115 -13.87 -10.62 -11.59
CA VAL A 115 -14.45 -10.98 -10.33
C VAL A 115 -14.06 -12.42 -10.07
N THR A 116 -13.89 -12.75 -8.80
CA THR A 116 -13.58 -14.10 -8.45
C THR A 116 -13.68 -14.30 -6.94
N ARG A 117 -13.92 -15.54 -6.55
CA ARG A 117 -13.87 -15.94 -5.16
C ARG A 117 -12.40 -16.01 -4.76
N MET A 118 -12.08 -15.82 -3.48
CA MET A 118 -10.71 -15.98 -2.98
C MET A 118 -10.69 -16.50 -1.54
N SER A 119 -9.80 -17.44 -1.25
CA SER A 119 -9.63 -17.89 0.12
C SER A 119 -9.05 -16.77 0.96
N LYS A 120 -9.23 -16.90 2.25
CA LYS A 120 -8.71 -15.93 3.17
C LYS A 120 -7.21 -16.10 3.40
N GLU A 121 -6.72 -17.33 3.32
CA GLU A 121 -5.27 -17.53 3.41
C GLU A 121 -4.60 -16.70 2.33
N ARG A 122 -5.12 -16.90 1.12
CA ARG A 122 -4.61 -16.21 -0.04
C ARG A 122 -4.73 -14.71 0.15
N PHE A 123 -5.92 -14.28 0.53
CA PHE A 123 -6.15 -12.87 0.66
C PHE A 123 -5.24 -12.24 1.69
N GLN A 124 -5.11 -12.90 2.86
CA GLN A 124 -4.23 -12.39 3.92
C GLN A 124 -2.86 -12.20 3.37
N SER A 125 -2.41 -13.16 2.58
CA SER A 125 -1.04 -13.17 2.13
C SER A 125 -0.77 -12.09 1.10
N GLU A 126 -1.80 -11.53 0.49
CA GLU A 126 -1.56 -10.47 -0.47
C GLU A 126 -1.90 -9.12 0.10
N TRP A 127 -2.82 -9.08 1.07
CA TRP A 127 -3.42 -7.83 1.54
C TRP A 127 -2.48 -7.03 2.43
N THR A 128 -2.44 -5.70 2.25
CA THR A 128 -1.53 -4.86 3.05
C THR A 128 -2.13 -4.42 4.35
N GLY A 129 -3.36 -4.84 4.60
CA GLY A 129 -4.10 -4.40 5.76
C GLY A 129 -4.88 -3.13 5.48
N LEU A 130 -4.49 -2.37 4.47
CA LEU A 130 -5.19 -1.12 4.13
C LEU A 130 -6.51 -1.31 3.41
N ALA A 131 -7.58 -0.80 4.02
CA ALA A 131 -8.91 -0.84 3.42
C ALA A 131 -9.41 0.58 3.19
N ILE A 132 -10.12 0.83 2.10
CA ILE A 132 -10.64 2.17 1.87
C ILE A 132 -12.13 2.05 1.64
N PHE A 133 -12.91 2.67 2.52
CA PHE A 133 -14.34 2.52 2.47
C PHE A 133 -14.93 3.76 1.91
N LEU A 134 -15.90 3.58 1.03
CA LEU A 134 -16.54 4.69 0.37
C LEU A 134 -18.02 4.62 0.43
N ALA A 135 -18.63 5.80 0.58
CA ALA A 135 -20.04 5.95 0.40
C ALA A 135 -20.34 7.32 -0.19
N PRO A 136 -21.46 7.43 -0.90
CA PRO A 136 -21.86 8.72 -1.47
C PRO A 136 -22.28 9.73 -0.40
N GLN A 137 -22.12 11.02 -0.69
CA GLN A 137 -22.29 12.11 0.28
C GLN A 137 -23.72 12.62 0.48
N TYR B 2 22.96 4.86 13.87
CA TYR B 2 21.98 4.62 12.85
C TYR B 2 21.75 5.87 12.01
N LYS B 3 22.36 5.88 10.82
CA LYS B 3 22.29 7.05 9.94
C LYS B 3 20.91 7.15 9.25
N LEU B 4 20.19 8.20 9.65
CA LEU B 4 18.83 8.51 9.16
C LEU B 4 18.67 9.99 8.75
N VAL B 5 18.00 10.19 7.62
CA VAL B 5 17.79 11.53 7.10
C VAL B 5 16.34 11.95 7.23
N PRO B 6 16.04 12.84 8.18
CA PRO B 6 14.68 13.35 8.30
C PRO B 6 14.17 14.08 7.04
N GLN B 7 12.85 14.08 6.84
CA GLN B 7 12.22 14.72 5.69
C GLN B 7 11.88 16.20 5.97
N ILE B 8 11.41 16.90 4.93
CA ILE B 8 11.01 18.32 5.01
C ILE B 8 9.53 18.49 4.60
N ASP B 9 9.21 18.17 3.34
CA ASP B 9 7.83 18.23 2.82
C ASP B 9 7.10 16.89 3.02
N THR B 10 5.78 16.94 3.18
CA THR B 10 4.94 15.73 3.24
C THR B 10 4.80 15.14 1.85
N ARG B 11 5.79 14.32 1.51
CA ARG B 11 6.03 13.76 0.18
C ARG B 11 7.45 13.19 0.13
N ASP B 12 8.39 13.82 0.82
CA ASP B 12 9.81 13.44 0.84
C ASP B 12 10.14 12.12 1.59
N CYS B 13 9.18 11.55 2.32
CA CYS B 13 9.43 10.34 3.15
C CYS B 13 10.11 9.20 2.39
N GLY B 14 9.77 9.03 1.12
CA GLY B 14 10.37 7.99 0.30
C GLY B 14 11.82 8.30 -0.04
N PRO B 15 12.04 9.48 -0.62
CA PRO B 15 13.43 9.88 -0.77
C PRO B 15 14.20 9.75 0.54
N ALA B 16 13.61 10.19 1.65
CA ALA B 16 14.29 10.22 2.95
C ALA B 16 14.78 8.85 3.44
N VAL B 17 13.95 7.82 3.31
CA VAL B 17 14.35 6.47 3.74
C VAL B 17 15.43 5.90 2.86
N LEU B 18 15.33 6.20 1.56
CA LEU B 18 16.38 5.88 0.58
C LEU B 18 17.76 6.26 1.16
N ALA B 19 17.78 7.37 1.89
CA ALA B 19 18.90 7.71 2.77
C ALA B 19 19.16 6.71 3.91
N SER B 20 20.24 6.00 3.69
CA SER B 20 20.44 4.65 4.01
C SER B 20 21.94 4.39 4.11
N VAL B 21 22.69 5.47 4.34
CA VAL B 21 24.14 5.50 4.39
C VAL B 21 24.71 5.88 3.03
N ARG B 35 20.00 14.09 -2.97
CA ARG B 35 18.84 14.75 -2.40
C ARG B 35 17.89 15.24 -3.49
N GLU B 36 16.59 14.93 -3.29
CA GLU B 36 15.46 15.21 -4.21
C GLU B 36 15.58 14.60 -5.62
N LEU B 37 14.62 13.72 -5.93
CA LEU B 37 14.79 12.77 -7.03
C LEU B 37 13.56 11.91 -7.38
N SER B 38 13.85 10.94 -8.25
CA SER B 38 13.29 9.56 -8.30
C SER B 38 11.78 9.32 -8.38
N LYS B 39 11.13 10.13 -9.21
CA LYS B 39 9.75 9.88 -9.60
C LYS B 39 8.81 9.94 -8.39
N THR B 40 9.19 10.80 -7.46
CA THR B 40 8.47 11.04 -6.22
C THR B 40 7.54 12.22 -6.46
N ASN B 41 6.24 11.98 -6.60
CA ASN B 41 5.31 13.04 -6.89
C ASN B 41 4.67 13.69 -5.69
N LYS B 42 3.49 14.28 -5.86
CA LYS B 42 2.85 14.97 -4.74
C LYS B 42 2.41 14.04 -3.61
N GLN B 43 2.29 12.74 -3.90
CA GLN B 43 2.09 11.74 -2.85
C GLN B 43 3.27 10.85 -2.66
N GLY B 44 4.10 11.17 -1.68
CA GLY B 44 5.28 10.39 -1.34
C GLY B 44 5.94 9.62 -2.46
N THR B 45 5.52 8.39 -2.67
CA THR B 45 6.02 7.56 -3.75
C THR B 45 5.18 6.31 -3.83
N THR B 46 5.54 5.41 -4.73
CA THR B 46 5.00 4.07 -4.72
C THR B 46 6.16 3.22 -4.32
N ALA B 47 5.90 1.97 -4.01
CA ALA B 47 6.94 1.09 -3.57
C ALA B 47 7.74 0.88 -4.79
N LEU B 48 7.05 0.89 -5.90
CA LEU B 48 7.75 0.71 -7.16
C LEU B 48 8.90 1.70 -7.33
N GLY B 49 8.57 2.98 -7.18
CA GLY B 49 9.54 4.05 -7.30
C GLY B 49 10.74 3.86 -6.39
N ILE B 50 10.48 3.48 -5.15
CA ILE B 50 11.57 3.25 -4.22
C ILE B 50 12.53 2.24 -4.84
N VAL B 51 11.97 1.26 -5.55
CA VAL B 51 12.79 0.17 -6.08
C VAL B 51 13.66 0.64 -7.21
N GLU B 52 13.01 1.12 -8.26
CA GLU B 52 13.70 1.63 -9.42
C GLU B 52 14.90 2.45 -8.96
N ALA B 53 14.61 3.47 -8.15
CA ALA B 53 15.62 4.34 -7.58
C ALA B 53 16.73 3.49 -6.98
N ALA B 54 16.43 2.75 -5.94
CA ALA B 54 17.41 1.89 -5.30
C ALA B 54 18.28 1.16 -6.32
N LYS B 55 17.66 0.60 -7.36
CA LYS B 55 18.42 -0.04 -8.46
C LYS B 55 19.43 0.92 -9.08
N LYS B 56 18.97 2.11 -9.47
CA LYS B 56 19.88 3.23 -9.73
C LYS B 56 20.61 3.32 -8.39
N LEU B 57 21.58 4.20 -8.22
CA LEU B 57 22.44 4.18 -7.02
C LEU B 57 23.19 2.84 -6.85
N GLY B 58 22.95 1.90 -7.78
CA GLY B 58 23.66 0.62 -7.83
C GLY B 58 23.24 -0.44 -6.82
N PHE B 59 21.94 -0.51 -6.50
CA PHE B 59 21.51 -1.46 -5.50
C PHE B 59 20.83 -2.69 -6.05
N GLU B 60 21.17 -3.80 -5.42
CA GLU B 60 20.45 -5.04 -5.58
C GLU B 60 19.21 -4.90 -4.69
N THR B 61 18.04 -5.06 -5.30
CA THR B 61 16.78 -4.83 -4.60
C THR B 61 15.92 -6.09 -4.58
N ARG B 62 15.57 -6.53 -3.38
CA ARG B 62 14.62 -7.63 -3.16
C ARG B 62 13.47 -7.07 -2.33
N SER B 63 12.25 -7.18 -2.83
CA SER B 63 11.08 -6.77 -2.08
C SER B 63 10.18 -7.96 -1.94
N ILE B 64 9.60 -8.09 -0.76
CA ILE B 64 8.72 -9.20 -0.50
C ILE B 64 7.62 -8.84 0.48
N LYS B 65 6.50 -9.54 0.36
CA LYS B 65 5.44 -9.52 1.34
C LYS B 65 5.82 -10.48 2.41
N ALA B 66 6.05 -9.97 3.61
CA ALA B 66 6.22 -10.87 4.73
C ALA B 66 5.17 -10.63 5.80
N ASP B 67 5.24 -11.45 6.83
CA ASP B 67 4.58 -11.21 8.10
C ASP B 67 5.65 -11.05 9.19
N MET B 68 5.26 -11.06 10.47
CA MET B 68 6.23 -10.77 11.54
C MET B 68 7.26 -11.84 11.69
N THR B 69 6.94 -13.07 11.28
CA THR B 69 7.92 -14.15 11.28
C THR B 69 9.22 -13.73 10.61
N LEU B 70 9.16 -12.85 9.63
CA LEU B 70 10.37 -12.37 9.02
C LEU B 70 11.47 -12.02 10.02
N PHE B 71 11.08 -11.40 11.14
CA PHE B 71 12.07 -10.99 12.14
C PHE B 71 12.58 -12.18 12.99
N ASP B 72 12.17 -13.41 12.65
CA ASP B 72 12.70 -14.63 13.27
C ASP B 72 13.96 -15.09 12.55
N TYR B 73 14.41 -14.33 11.56
CA TYR B 73 15.44 -14.79 10.65
C TYR B 73 16.79 -14.21 11.03
N ASN B 74 17.74 -15.10 11.29
CA ASN B 74 19.08 -14.74 11.71
C ASN B 74 19.90 -14.17 10.57
N ASP B 75 19.48 -14.45 9.32
CA ASP B 75 20.12 -13.87 8.14
C ASP B 75 19.77 -12.40 7.94
N LEU B 76 18.71 -11.95 8.59
CA LEU B 76 18.10 -10.68 8.25
C LEU B 76 19.13 -9.55 8.05
N THR B 77 19.34 -9.19 6.80
CA THR B 77 20.30 -8.14 6.46
C THR B 77 19.72 -6.77 6.75
N TYR B 78 20.01 -6.21 7.92
CA TYR B 78 19.73 -4.80 8.17
C TYR B 78 20.85 -3.96 7.52
N PRO B 79 20.56 -2.69 7.19
CA PRO B 79 19.26 -2.05 7.33
C PRO B 79 18.40 -2.36 6.10
N PHE B 80 17.10 -2.11 6.21
CA PHE B 80 16.20 -2.23 5.07
C PHE B 80 14.93 -1.41 5.31
N ILE B 81 14.09 -1.35 4.29
CA ILE B 81 12.96 -0.46 4.29
C ILE B 81 11.64 -1.19 4.43
N VAL B 82 10.67 -0.51 5.00
CA VAL B 82 9.33 -1.05 5.06
C VAL B 82 8.32 0.02 4.64
N HIS B 83 7.21 -0.44 4.09
CA HIS B 83 6.07 0.41 3.82
C HIS B 83 5.16 0.20 4.98
N VAL B 84 4.77 1.32 5.60
CA VAL B 84 3.83 1.30 6.72
C VAL B 84 2.80 2.38 6.52
N ILE B 85 1.73 2.24 7.29
CA ILE B 85 0.66 3.23 7.40
C ILE B 85 0.75 3.86 8.77
N LYS B 86 0.83 5.17 8.81
CA LYS B 86 0.75 5.93 10.06
C LYS B 86 -0.48 6.78 9.98
N GLY B 87 -1.53 6.40 10.68
CA GLY B 87 -2.78 7.15 10.68
C GLY B 87 -3.36 7.32 9.29
N LYS B 88 -3.29 8.54 8.77
CA LYS B 88 -3.72 8.85 7.43
C LYS B 88 -2.55 9.14 6.46
N ARG B 89 -1.31 8.87 6.90
CA ARG B 89 -0.17 8.78 5.97
C ARG B 89 -0.04 7.35 5.42
N LEU B 90 -0.55 7.14 4.21
CA LEU B 90 -0.75 5.81 3.67
C LEU B 90 0.44 5.30 2.89
N GLN B 91 1.26 6.23 2.43
CA GLN B 91 2.47 5.88 1.71
C GLN B 91 3.67 6.27 2.52
N HIS B 92 3.64 5.95 3.81
CA HIS B 92 4.77 6.25 4.69
C HIS B 92 5.72 5.08 4.70
N TYR B 93 6.94 5.32 5.12
CA TYR B 93 7.97 4.29 5.18
C TYR B 93 8.92 4.53 6.36
N TYR B 94 9.45 3.43 6.91
CA TYR B 94 10.50 3.49 7.91
C TYR B 94 11.79 2.83 7.42
N VAL B 95 12.88 3.15 8.14
CA VAL B 95 14.09 2.38 8.05
C VAL B 95 14.11 1.44 9.26
N VAL B 96 14.48 0.19 9.02
CA VAL B 96 14.62 -0.81 10.06
C VAL B 96 16.09 -1.10 10.25
N TYR B 97 16.56 -0.88 11.46
CA TYR B 97 17.98 -0.99 11.80
C TYR B 97 18.32 -2.30 12.48
N GLY B 98 17.42 -2.80 13.30
CA GLY B 98 17.65 -4.03 14.01
C GLY B 98 16.44 -4.45 14.81
N SER B 99 16.44 -5.74 15.14
CA SER B 99 15.41 -6.43 15.91
C SER B 99 16.07 -6.88 17.19
N GLN B 100 16.52 -5.91 17.98
CA GLN B 100 17.20 -6.23 19.23
C GLN B 100 16.09 -6.51 20.26
N ASN B 101 15.73 -7.79 20.33
CA ASN B 101 14.64 -8.34 21.18
C ASN B 101 13.22 -8.02 20.69
N ASN B 102 12.25 -8.28 21.55
CA ASN B 102 10.85 -7.86 21.38
C ASN B 102 10.61 -6.40 20.92
N GLN B 103 11.63 -5.73 20.40
CA GLN B 103 11.47 -4.34 19.96
C GLN B 103 12.36 -4.01 18.77
N LEU B 104 11.88 -3.12 17.90
CA LEU B 104 12.59 -2.76 16.68
C LEU B 104 13.26 -1.40 16.75
N ILE B 105 14.38 -1.28 16.06
CA ILE B 105 14.99 0.02 15.93
C ILE B 105 14.61 0.50 14.56
N ILE B 106 13.82 1.56 14.54
CA ILE B 106 13.31 2.11 13.31
C ILE B 106 13.67 3.59 13.18
N GLY B 107 13.58 4.09 11.95
CA GLY B 107 13.80 5.50 11.71
C GLY B 107 12.64 6.11 10.95
N ASP B 108 11.97 7.07 11.57
CA ASP B 108 10.80 7.72 10.96
C ASP B 108 11.21 9.09 10.40
N PRO B 109 11.32 9.22 9.05
CA PRO B 109 11.72 10.49 8.44
C PRO B 109 10.93 11.70 8.92
N ASP B 110 9.74 11.48 9.46
CA ASP B 110 9.07 12.46 10.30
C ASP B 110 10.14 13.08 11.20
N PRO B 111 10.49 14.37 10.97
CA PRO B 111 11.55 14.95 11.81
C PRO B 111 11.19 15.02 13.30
N SER B 112 9.90 14.96 13.64
CA SER B 112 9.44 14.91 15.04
C SER B 112 9.63 13.54 15.74
N VAL B 113 10.03 12.51 14.99
CA VAL B 113 10.27 11.17 15.54
C VAL B 113 11.71 10.68 15.33
N LYS B 114 12.20 10.79 14.11
CA LYS B 114 13.45 10.17 13.64
C LYS B 114 13.69 8.75 14.19
N VAL B 115 14.89 8.45 14.67
CA VAL B 115 15.17 7.09 15.09
C VAL B 115 14.43 6.87 16.39
N THR B 116 14.00 5.63 16.61
CA THR B 116 13.31 5.27 17.84
C THR B 116 13.13 3.76 17.96
N ARG B 117 13.05 3.28 19.19
CA ARG B 117 12.62 1.91 19.44
C ARG B 117 11.14 1.81 19.12
N MET B 118 10.66 0.61 18.78
CA MET B 118 9.24 0.40 18.61
C MET B 118 8.83 -1.00 19.02
N SER B 119 7.74 -1.11 19.77
CA SER B 119 7.19 -2.42 20.09
C SER B 119 6.78 -3.12 18.80
N LYS B 120 6.78 -4.45 18.84
CA LYS B 120 6.38 -5.23 17.68
C LYS B 120 4.86 -5.21 17.48
N GLU B 121 4.08 -5.17 18.57
CA GLU B 121 2.64 -4.99 18.42
C GLU B 121 2.38 -3.70 17.62
N ARG B 122 3.02 -2.61 18.02
CA ARG B 122 2.90 -1.33 17.31
C ARG B 122 3.35 -1.47 15.85
N PHE B 123 4.52 -2.06 15.66
CA PHE B 123 5.04 -2.18 14.31
C PHE B 123 4.12 -3.05 13.41
N GLN B 124 3.68 -4.18 13.95
CA GLN B 124 2.72 -5.04 13.27
C GLN B 124 1.51 -4.24 12.87
N SER B 125 1.06 -3.39 13.78
CA SER B 125 -0.14 -2.62 13.51
C SER B 125 0.03 -1.55 12.45
N GLU B 126 1.25 -1.13 12.14
CA GLU B 126 1.44 -0.12 11.11
C GLU B 126 1.93 -0.71 9.82
N TRP B 127 2.55 -1.87 9.90
CA TRP B 127 3.33 -2.38 8.76
C TRP B 127 2.39 -2.92 7.71
N THR B 128 2.71 -2.72 6.43
CA THR B 128 1.89 -3.28 5.34
C THR B 128 2.30 -4.69 4.93
N GLY B 129 3.36 -5.19 5.55
CA GLY B 129 3.96 -6.44 5.18
C GLY B 129 5.09 -6.27 4.19
N LEU B 130 5.15 -5.14 3.49
CA LEU B 130 6.14 -4.98 2.43
C LEU B 130 7.47 -4.59 2.97
N ALA B 131 8.47 -5.42 2.71
CA ALA B 131 9.84 -5.11 3.06
C ALA B 131 10.65 -4.97 1.80
N ILE B 132 11.57 -4.00 1.78
CA ILE B 132 12.45 -3.85 0.62
C ILE B 132 13.88 -3.92 1.10
N PHE B 133 14.60 -4.94 0.66
CA PHE B 133 15.97 -5.16 1.09
C PHE B 133 16.93 -4.70 0.05
N LEU B 134 17.98 -4.01 0.50
CA LEU B 134 18.99 -3.47 -0.40
C LEU B 134 20.39 -3.89 0.00
N ALA B 135 21.24 -4.06 -1.01
CA ALA B 135 22.69 -4.14 -0.81
C ALA B 135 23.43 -3.61 -2.04
N PRO B 136 24.67 -3.09 -1.82
CA PRO B 136 25.54 -2.66 -2.91
C PRO B 136 26.10 -3.86 -3.68
CAO 6CH C . 18.90 -8.11 -0.74
CAN 6CH C . 18.99 -8.36 0.76
CAM 6CH C . 17.87 -9.25 1.27
NAL 6CH C . 17.82 -10.44 0.47
CAK 6CH C . 17.06 -11.48 0.70
OAP 6CH C . 17.06 -12.39 -0.11
OAJ 6CH C . 16.21 -11.52 1.73
CAI 6CH C . 16.67 -11.31 3.03
CAA 6CH C . 16.72 -12.61 3.73
CAB 6CH C . 15.66 -12.82 4.88
CAH 6CH C . 15.17 -14.28 4.93
CAG 6CH C . 16.41 -15.17 4.91
CAF 6CH C . 17.27 -14.86 3.55
NAC 6CH C . 16.68 -13.74 2.77
CAD 6CH C . 15.27 -14.11 2.40
CAE 6CH C . 14.45 -14.71 3.61
CAS 6CH C . 12.96 -14.61 3.57
CAR 6CH C . 12.11 -14.48 4.54
NAT 6CH C . 12.28 -14.80 2.47
CAU 6CH C . 12.85 -14.99 1.18
NAV 6CH C . 11.38 -14.76 2.59
CAQ 6CH C . 11.05 -14.55 3.84
CBB 6CH C . 9.81 -14.48 4.24
CBA 6CH C . 9.48 -14.29 5.53
CAZ 6CH C . 8.17 -14.24 5.91
CAW 6CH C . 7.19 -14.39 4.98
OAX 6CH C . 5.92 -14.31 5.41
CAY 6CH C . 4.83 -14.55 4.50
CBD 6CH C . 7.55 -14.58 3.67
CBC 6CH C . 8.85 -14.64 3.30
#